data_6UF0
#
_entry.id   6UF0
#
_cell.length_a   105.712
_cell.length_b   57.350
_cell.length_c   130.425
_cell.angle_alpha   90.000
_cell.angle_beta   107.530
_cell.angle_gamma   90.000
#
_symmetry.space_group_name_H-M   'I 1 2 1'
#
loop_
_entity.id
_entity.type
_entity.pdbx_description
1 polymer 'Kelch-like ECH-associated protein 1'
2 non-polymer N-[(4-methoxyphenyl)sulfonyl]-N-(4-{[(4-methoxyphenyl)sulfonyl](2,2,2-trifluoroethyl)amino}isoquinolin-1-yl)glycine
3 non-polymer 'FORMIC ACID'
4 non-polymer 'DIMETHYL SULFOXIDE'
5 non-polymer 'SODIUM ION'
6 non-polymer N-[(4-methoxyphenyl)sulfonyl]-N-(4-{[(4-methoxyphenyl)sulfonyl]amino}naphthalen-1-yl)glycine
7 water water
#
_entity_poly.entity_id   1
_entity_poly.type   'polypeptide(L)'
_entity_poly.pdbx_seq_one_letter_code
;SAPKVGRLIYTAGGYFRQSLSYLEAYNPSDGTWLRLADLQVPRSGLAGCVVGGLLYAVGGRNNSPDGNTDSSALDCYNPM
TNQWSPCAPMSVPRNRIGVGVIDGHIYAVGGSHGCIHHNSVERYEPERDEWHLVAPMLTRRIGVGVAVLNRLLYAVGGFD
GTNRLNSAECYYPERNEWRMITAMNTIRSGAGVCVLHNCIYAAGGYDGQDQLNSVERYDVATATWTFVAPMKHRRSALGI
TVHQGRIYVLGGYDGHTFLDSVECYDPDTDTWSEVTRMTSGRSGVGVAVT
;
_entity_poly.pdbx_strand_id   A,B
#
# COMPACT_ATOMS: atom_id res chain seq x y z
N VAL A 5 1.39 26.46 33.71
CA VAL A 5 2.83 26.77 33.38
C VAL A 5 3.58 25.45 33.17
N GLY A 6 4.57 25.46 32.27
CA GLY A 6 5.58 24.41 32.04
C GLY A 6 4.99 23.15 31.43
N ARG A 7 3.83 23.25 30.78
CA ARG A 7 3.28 22.11 30.00
C ARG A 7 4.14 21.99 28.72
N LEU A 8 4.35 20.77 28.25
CA LEU A 8 5.15 20.52 27.03
C LEU A 8 4.23 20.00 25.89
N ILE A 9 4.62 20.27 24.66
CA ILE A 9 4.07 19.60 23.44
C ILE A 9 4.87 18.32 23.21
N TYR A 10 4.23 17.17 23.40
CA TYR A 10 4.84 15.84 23.12
C TYR A 10 4.52 15.42 21.68
N THR A 11 5.49 14.89 20.98
CA THR A 11 5.31 14.22 19.64
C THR A 11 5.87 12.79 19.73
N ALA A 12 5.04 11.82 19.36
CA ALA A 12 5.29 10.38 19.46
C ALA A 12 5.14 9.73 18.09
N GLY A 13 6.06 8.82 17.76
CA GLY A 13 6.03 8.02 16.54
C GLY A 13 6.15 8.91 15.31
N GLY A 14 5.58 8.46 14.21
CA GLY A 14 5.69 9.21 12.95
C GLY A 14 6.35 8.34 11.90
N TYR A 15 6.58 8.89 10.72
CA TYR A 15 7.09 8.14 9.56
C TYR A 15 8.12 9.01 8.84
N PHE A 16 9.27 8.42 8.58
CA PHE A 16 10.29 8.91 7.61
C PHE A 16 11.07 7.67 7.16
N ARG A 17 10.79 7.17 5.98
CA ARG A 17 11.36 5.92 5.40
C ARG A 17 10.78 4.68 6.10
N GLN A 18 10.50 4.77 7.39
CA GLN A 18 9.75 3.72 8.12
C GLN A 18 9.15 4.37 9.36
N SER A 19 8.25 3.66 10.02
CA SER A 19 7.58 4.13 11.24
C SER A 19 8.69 4.33 12.27
N LEU A 20 8.55 5.33 13.12
CA LEU A 20 9.59 5.74 14.08
C LEU A 20 9.15 5.44 15.51
N SER A 21 10.10 5.45 16.45
CA SER A 21 9.89 5.16 17.90
C SER A 21 10.09 6.41 18.75
N TYR A 22 10.42 7.53 18.13
CA TYR A 22 10.83 8.76 18.85
C TYR A 22 9.66 9.25 19.69
N LEU A 23 10.00 9.72 20.88
CA LEU A 23 9.15 10.57 21.74
C LEU A 23 10.01 11.76 22.10
N GLU A 24 9.58 12.92 21.62
CA GLU A 24 10.26 14.21 21.85
C GLU A 24 9.25 15.19 22.41
N ALA A 25 9.69 16.18 23.15
CA ALA A 25 8.82 17.19 23.77
C ALA A 25 9.39 18.58 23.52
N TYR A 26 8.54 19.49 23.05
CA TYR A 26 8.92 20.90 22.80
C TYR A 26 8.36 21.78 23.91
N ASN A 27 9.19 22.70 24.40
CA ASN A 27 8.78 23.74 25.37
C ASN A 27 8.70 25.09 24.65
N PRO A 28 7.48 25.60 24.36
CA PRO A 28 7.34 26.86 23.65
C PRO A 28 7.90 28.08 24.43
N SER A 29 8.08 27.96 25.75
CA SER A 29 8.72 29.00 26.60
C SER A 29 10.13 29.28 26.08
N ASP A 30 10.99 28.27 26.19
CA ASP A 30 12.47 28.40 26.06
C ASP A 30 12.92 27.89 24.67
N GLY A 31 12.01 27.34 23.87
CA GLY A 31 12.31 26.86 22.51
C GLY A 31 13.15 25.59 22.51
N THR A 32 13.17 24.86 23.61
CA THR A 32 13.98 23.62 23.78
C THR A 32 13.18 22.37 23.41
N TRP A 33 13.90 21.37 22.90
CA TRP A 33 13.40 20.01 22.57
C TRP A 33 14.03 19.01 23.55
N LEU A 34 13.23 18.17 24.20
CA LEU A 34 13.70 17.03 25.00
C LEU A 34 13.60 15.77 24.14
N ARG A 35 14.57 14.88 24.27
CA ARG A 35 14.52 13.51 23.72
C ARG A 35 14.18 12.58 24.88
N LEU A 36 13.04 11.89 24.81
CA LEU A 36 12.51 11.05 25.91
C LEU A 36 12.58 9.60 25.46
N ALA A 37 12.11 8.67 26.26
CA ALA A 37 12.19 7.23 25.96
C ALA A 37 11.41 6.87 24.69
N ASP A 38 12.03 6.07 23.84
CA ASP A 38 11.43 5.58 22.56
C ASP A 38 10.20 4.75 22.91
N LEU A 39 9.16 4.80 22.08
CA LEU A 39 8.09 3.77 22.07
C LEU A 39 8.74 2.39 22.04
N GLN A 40 8.10 1.38 22.64
CA GLN A 40 8.52 -0.04 22.56
C GLN A 40 8.36 -0.53 21.12
N VAL A 41 7.34 -0.09 20.37
CA VAL A 41 7.11 -0.55 18.98
C VAL A 41 7.03 0.71 18.15
N PRO A 42 7.66 0.76 16.95
CA PRO A 42 7.55 1.94 16.07
C PRO A 42 6.10 2.12 15.59
N ARG A 43 5.62 3.35 15.48
CA ARG A 43 4.23 3.66 15.11
C ARG A 43 4.15 4.97 14.33
N SER A 44 3.44 4.94 13.20
CA SER A 44 2.97 6.07 12.40
C SER A 44 1.45 5.95 12.27
N GLY A 45 0.78 7.07 12.05
CA GLY A 45 -0.67 7.10 11.86
C GLY A 45 -1.40 6.83 13.15
N LEU A 46 -0.70 7.06 14.27
CA LEU A 46 -1.29 6.95 15.62
C LEU A 46 -1.87 8.31 16.05
N ALA A 47 -2.55 8.31 17.18
CA ALA A 47 -2.98 9.55 17.85
C ALA A 47 -2.45 9.58 19.27
N GLY A 48 -2.18 10.81 19.73
CA GLY A 48 -1.72 11.11 21.09
C GLY A 48 -2.84 11.69 21.89
N CYS A 49 -2.91 11.39 23.18
CA CYS A 49 -3.80 12.16 24.09
C CYS A 49 -3.28 12.04 25.50
N VAL A 50 -3.75 12.92 26.37
CA VAL A 50 -3.35 12.96 27.80
C VAL A 50 -4.60 12.78 28.65
N VAL A 51 -4.52 11.89 29.63
CA VAL A 51 -5.54 11.76 30.70
C VAL A 51 -4.83 11.62 32.04
N GLY A 52 -5.15 12.53 32.98
CA GLY A 52 -4.57 12.60 34.34
C GLY A 52 -3.04 12.53 34.31
N GLY A 53 -2.38 13.41 33.55
CA GLY A 53 -0.91 13.54 33.51
C GLY A 53 -0.16 12.39 32.84
N LEU A 54 -0.85 11.39 32.26
CA LEU A 54 -0.22 10.31 31.45
C LEU A 54 -0.49 10.57 29.97
N LEU A 55 0.47 10.27 29.11
CA LEU A 55 0.34 10.42 27.65
C LEU A 55 0.01 9.04 27.10
N TYR A 56 -0.98 8.94 26.20
CA TYR A 56 -1.37 7.69 25.55
C TYR A 56 -1.07 7.77 24.07
N ALA A 57 -0.57 6.64 23.55
CA ALA A 57 -0.26 6.42 22.13
C ALA A 57 -1.23 5.38 21.67
N VAL A 58 -2.09 5.74 20.73
CA VAL A 58 -3.25 4.90 20.34
C VAL A 58 -3.15 4.51 18.87
N GLY A 59 -3.22 3.22 18.62
CA GLY A 59 -3.35 2.69 17.25
C GLY A 59 -2.16 3.07 16.38
N GLY A 60 -2.41 3.22 15.08
CA GLY A 60 -1.36 3.48 14.09
C GLY A 60 -0.91 2.19 13.42
N ARG A 61 0.34 2.16 12.96
CA ARG A 61 0.87 1.04 12.13
C ARG A 61 2.39 1.04 12.28
N ASN A 62 2.97 -0.16 12.27
CA ASN A 62 4.44 -0.29 12.14
C ASN A 62 4.73 -0.60 10.68
N ASN A 63 5.07 0.44 9.90
CA ASN A 63 5.44 0.34 8.47
C ASN A 63 6.96 0.16 8.45
N SER A 64 7.38 -1.09 8.31
CA SER A 64 8.80 -1.57 8.34
C SER A 64 9.32 -1.76 6.92
N PRO A 65 10.65 -1.95 6.78
CA PRO A 65 11.25 -2.37 5.52
C PRO A 65 10.79 -3.81 5.23
N ASP A 66 10.79 -4.63 6.27
CA ASP A 66 10.17 -5.98 6.31
C ASP A 66 8.73 -5.90 5.73
N GLY A 67 7.77 -5.20 6.39
CA GLY A 67 6.37 -5.05 5.91
C GLY A 67 5.53 -4.16 6.83
N ASN A 68 4.19 -4.20 6.71
CA ASN A 68 3.25 -3.31 7.49
C ASN A 68 2.36 -4.10 8.46
N THR A 69 2.30 -3.65 9.73
CA THR A 69 1.37 -4.19 10.75
C THR A 69 0.57 -3.08 11.42
N ASP A 70 -0.72 -3.04 11.12
CA ASP A 70 -1.70 -2.14 11.77
C ASP A 70 -1.75 -2.48 13.27
N SER A 71 -1.83 -1.47 14.12
CA SER A 71 -1.69 -1.62 15.59
C SER A 71 -3.05 -1.46 16.30
N SER A 72 -3.43 -2.39 17.17
CA SER A 72 -4.55 -2.23 18.12
C SER A 72 -4.04 -1.68 19.45
N ALA A 73 -2.78 -1.27 19.52
CA ALA A 73 -2.11 -1.10 20.83
C ALA A 73 -2.52 0.22 21.47
N LEU A 74 -2.61 0.19 22.80
CA LEU A 74 -2.67 1.41 23.65
C LEU A 74 -1.48 1.33 24.60
N ASP A 75 -0.62 2.33 24.58
CA ASP A 75 0.62 2.35 25.39
C ASP A 75 0.60 3.65 26.15
N CYS A 76 0.99 3.56 27.40
CA CYS A 76 0.87 4.64 28.38
C CYS A 76 2.27 5.17 28.74
N TYR A 77 2.51 6.49 28.66
CA TYR A 77 3.80 7.12 29.01
C TYR A 77 3.63 7.99 30.26
N ASN A 78 4.45 7.75 31.29
CA ASN A 78 4.51 8.59 32.52
C ASN A 78 5.71 9.52 32.41
N PRO A 79 5.52 10.84 32.25
CA PRO A 79 6.65 11.76 32.22
C PRO A 79 7.50 11.74 33.49
N MET A 80 6.96 11.22 34.59
CA MET A 80 7.65 11.25 35.90
C MET A 80 8.67 10.12 35.91
N THR A 81 8.37 8.99 35.24
CA THR A 81 9.22 7.77 35.18
C THR A 81 9.93 7.66 33.83
N ASN A 82 9.59 8.49 32.85
CA ASN A 82 10.13 8.39 31.47
C ASN A 82 10.03 6.93 30.97
N GLN A 83 8.95 6.23 31.30
CA GLN A 83 8.75 4.81 30.93
C GLN A 83 7.41 4.63 30.22
N TRP A 84 7.40 3.85 29.14
CA TRP A 84 6.21 3.34 28.40
C TRP A 84 5.76 2.00 29.01
N SER A 85 4.46 1.83 29.28
CA SER A 85 3.86 0.52 29.66
C SER A 85 2.71 0.18 28.72
N PRO A 86 2.52 -1.11 28.40
CA PRO A 86 1.34 -1.54 27.66
C PRO A 86 0.07 -1.36 28.51
N CYS A 87 -1.03 -1.03 27.83
CA CYS A 87 -2.38 -1.00 28.41
C CYS A 87 -3.23 -1.92 27.56
N ALA A 88 -4.49 -2.09 27.94
CA ALA A 88 -5.41 -2.98 27.22
C ALA A 88 -5.44 -2.52 25.78
N PRO A 89 -5.30 -3.45 24.81
CA PRO A 89 -5.41 -3.11 23.41
C PRO A 89 -6.89 -2.91 23.02
N MET A 90 -7.10 -2.17 21.94
CA MET A 90 -8.45 -1.94 21.39
C MET A 90 -9.00 -3.24 20.84
N SER A 91 -10.28 -3.28 20.56
CA SER A 91 -10.97 -4.45 19.97
C SER A 91 -10.39 -4.75 18.57
N VAL A 92 -9.93 -3.74 17.83
CA VAL A 92 -9.45 -3.85 16.41
C VAL A 92 -8.23 -2.95 16.20
N PRO A 93 -7.31 -3.28 15.26
CA PRO A 93 -6.27 -2.35 14.85
C PRO A 93 -6.93 -1.13 14.16
N ARG A 94 -6.34 0.03 14.39
CA ARG A 94 -6.85 1.33 13.90
C ARG A 94 -5.64 2.18 13.53
N ASN A 95 -5.25 2.14 12.26
CA ASN A 95 -4.21 3.00 11.64
C ASN A 95 -4.94 4.23 11.10
N ARG A 96 -4.29 5.38 11.07
CA ARG A 96 -4.90 6.63 10.56
C ARG A 96 -6.14 6.95 11.42
N ILE A 97 -5.95 6.81 12.73
CA ILE A 97 -7.00 6.90 13.76
C ILE A 97 -7.21 8.37 14.19
N GLY A 98 -8.39 8.66 14.73
CA GLY A 98 -8.68 9.91 15.47
C GLY A 98 -8.94 9.56 16.92
N VAL A 99 -8.53 10.41 17.86
CA VAL A 99 -8.94 10.19 19.25
C VAL A 99 -9.34 11.51 19.88
N GLY A 100 -10.22 11.40 20.85
CA GLY A 100 -10.55 12.51 21.74
C GLY A 100 -10.83 12.00 23.12
N VAL A 101 -10.74 12.89 24.08
CA VAL A 101 -10.99 12.56 25.51
C VAL A 101 -12.22 13.34 25.98
N ILE A 102 -13.16 12.65 26.59
CA ILE A 102 -14.31 13.28 27.28
C ILE A 102 -14.36 12.74 28.71
N ASP A 103 -14.23 13.60 29.71
CA ASP A 103 -14.46 13.18 31.11
C ASP A 103 -13.53 12.02 31.46
N GLY A 104 -12.24 12.09 31.08
CA GLY A 104 -11.24 11.08 31.45
C GLY A 104 -11.37 9.77 30.69
N HIS A 105 -12.15 9.71 29.62
CA HIS A 105 -12.28 8.51 28.77
C HIS A 105 -11.68 8.83 27.41
N ILE A 106 -11.02 7.83 26.82
CA ILE A 106 -10.39 7.96 25.48
C ILE A 106 -11.34 7.36 24.48
N TYR A 107 -11.69 8.11 23.42
CA TYR A 107 -12.46 7.60 22.27
C TYR A 107 -11.51 7.38 21.11
N ALA A 108 -11.46 6.14 20.60
CA ALA A 108 -10.70 5.74 19.40
C ALA A 108 -11.71 5.72 18.27
N VAL A 109 -11.48 6.52 17.24
CA VAL A 109 -12.52 6.79 16.21
C VAL A 109 -12.00 6.31 14.84
N GLY A 110 -12.78 5.47 14.17
CA GLY A 110 -12.48 4.95 12.82
C GLY A 110 -11.05 4.43 12.67
N GLY A 111 -10.40 4.82 11.58
CA GLY A 111 -9.11 4.29 11.17
C GLY A 111 -9.31 3.00 10.36
N SER A 112 -8.19 2.43 9.92
CA SER A 112 -8.16 1.26 9.00
C SER A 112 -7.39 0.08 9.60
N HIS A 113 -7.72 -1.10 9.10
CA HIS A 113 -6.98 -2.36 9.35
C HIS A 113 -6.89 -3.06 7.99
N GLY A 114 -5.79 -2.85 7.24
CA GLY A 114 -5.72 -3.34 5.85
C GLY A 114 -6.83 -2.71 5.02
N CYS A 115 -7.76 -3.51 4.49
CA CYS A 115 -8.87 -3.06 3.61
C CYS A 115 -10.07 -2.61 4.45
N ILE A 116 -10.06 -2.89 5.75
CA ILE A 116 -11.18 -2.54 6.66
C ILE A 116 -11.10 -1.03 6.91
N HIS A 117 -12.15 -0.31 6.52
CA HIS A 117 -12.34 1.16 6.73
C HIS A 117 -13.37 1.36 7.84
N HIS A 118 -12.95 1.58 9.08
CA HIS A 118 -13.85 1.47 10.25
C HIS A 118 -14.85 2.61 10.31
N ASN A 119 -16.12 2.29 10.64
CA ASN A 119 -17.12 3.26 11.16
C ASN A 119 -17.20 3.14 12.69
N SER A 120 -16.65 2.07 13.26
CA SER A 120 -16.79 1.76 14.69
C SER A 120 -15.96 2.71 15.54
N VAL A 121 -16.41 2.86 16.77
CA VAL A 121 -15.82 3.73 17.80
C VAL A 121 -15.80 2.97 19.11
N GLU A 122 -14.73 3.10 19.86
CA GLU A 122 -14.63 2.40 21.14
C GLU A 122 -14.02 3.34 22.16
N ARG A 123 -14.39 3.09 23.41
CA ARG A 123 -14.11 3.98 24.52
C ARG A 123 -13.29 3.29 25.60
N TYR A 124 -12.26 3.96 26.07
CA TYR A 124 -11.36 3.41 27.08
C TYR A 124 -11.58 4.07 28.44
N GLU A 125 -11.67 3.26 29.49
CA GLU A 125 -11.77 3.72 30.90
C GLU A 125 -10.47 3.37 31.60
N PRO A 126 -9.57 4.36 31.81
CA PRO A 126 -8.26 4.11 32.37
C PRO A 126 -8.35 3.42 33.74
N GLU A 127 -9.32 3.82 34.56
CA GLU A 127 -9.48 3.29 35.94
C GLU A 127 -9.76 1.79 35.90
N ARG A 128 -10.44 1.27 34.88
CA ARG A 128 -10.71 -0.19 34.74
C ARG A 128 -9.73 -0.84 33.75
N ASP A 129 -8.93 -0.06 33.00
CA ASP A 129 -8.10 -0.54 31.86
C ASP A 129 -8.93 -1.44 30.93
N GLU A 130 -10.09 -0.96 30.49
CA GLU A 130 -10.93 -1.72 29.53
C GLU A 130 -11.42 -0.79 28.42
N TRP A 131 -11.68 -1.35 27.26
CA TRP A 131 -12.32 -0.69 26.08
C TRP A 131 -13.71 -1.29 25.91
N HIS A 132 -14.70 -0.50 25.50
CA HIS A 132 -16.07 -0.93 25.10
C HIS A 132 -16.47 -0.26 23.78
N LEU A 133 -17.14 -0.99 22.89
CA LEU A 133 -17.73 -0.43 21.66
C LEU A 133 -18.83 0.58 22.02
N VAL A 134 -18.90 1.73 21.33
CA VAL A 134 -20.02 2.67 21.53
C VAL A 134 -20.65 2.84 20.16
N ALA A 135 -21.54 3.81 19.97
CA ALA A 135 -22.30 3.87 18.70
C ALA A 135 -21.29 4.11 17.59
N PRO A 136 -21.46 3.47 16.43
CA PRO A 136 -20.59 3.74 15.30
C PRO A 136 -20.96 5.08 14.67
N MET A 137 -20.00 5.69 14.02
CA MET A 137 -20.22 6.90 13.20
C MET A 137 -21.20 6.58 12.08
N LEU A 138 -21.78 7.62 11.49
CA LEU A 138 -22.74 7.46 10.37
C LEU A 138 -21.95 7.25 9.08
N THR A 139 -20.65 7.50 9.11
CA THR A 139 -19.76 7.30 7.95
C THR A 139 -18.52 6.53 8.38
N ARG A 140 -18.01 5.64 7.53
CA ARG A 140 -16.65 5.09 7.75
C ARG A 140 -15.63 6.22 7.55
N ARG A 141 -14.66 6.34 8.44
CA ARG A 141 -13.67 7.41 8.35
C ARG A 141 -12.29 6.90 8.73
N ILE A 142 -11.37 6.91 7.77
CA ILE A 142 -9.93 6.75 8.07
C ILE A 142 -9.24 8.08 7.75
N GLY A 143 -8.13 8.39 8.42
CA GLY A 143 -7.51 9.72 8.29
C GLY A 143 -8.44 10.80 8.82
N VAL A 144 -9.21 10.47 9.85
CA VAL A 144 -10.22 11.35 10.50
C VAL A 144 -9.57 12.24 11.57
N GLY A 145 -9.99 13.50 11.64
CA GLY A 145 -9.59 14.43 12.69
C GLY A 145 -10.67 14.49 13.75
N VAL A 146 -10.26 14.49 15.02
CA VAL A 146 -11.22 14.48 16.15
C VAL A 146 -10.97 15.69 17.07
N ALA A 147 -12.03 16.26 17.61
CA ALA A 147 -11.99 17.41 18.53
C ALA A 147 -13.14 17.25 19.52
N VAL A 148 -12.93 17.69 20.75
CA VAL A 148 -13.96 17.69 21.80
C VAL A 148 -14.35 19.12 22.12
N LEU A 149 -15.62 19.40 22.06
CA LEU A 149 -16.15 20.74 22.37
C LEU A 149 -17.51 20.58 23.06
N ASN A 150 -17.72 21.27 24.20
CA ASN A 150 -19.00 21.26 24.94
C ASN A 150 -19.37 19.79 25.23
N ARG A 151 -18.39 18.96 25.51
CA ARG A 151 -18.58 17.54 25.94
C ARG A 151 -19.22 16.72 24.80
N LEU A 152 -19.04 17.15 23.56
CA LEU A 152 -19.43 16.38 22.37
C LEU A 152 -18.14 16.08 21.62
N LEU A 153 -18.10 14.94 20.95
CA LEU A 153 -16.90 14.58 20.18
C LEU A 153 -17.21 14.79 18.72
N TYR A 154 -16.40 15.55 17.99
CA TYR A 154 -16.60 15.82 16.54
C TYR A 154 -15.61 14.97 15.75
N ALA A 155 -16.09 14.33 14.72
CA ALA A 155 -15.25 13.61 13.73
C ALA A 155 -15.33 14.33 12.39
N VAL A 156 -14.16 14.69 11.84
CA VAL A 156 -14.09 15.63 10.70
C VAL A 156 -13.26 15.03 9.57
N GLY A 157 -13.87 15.00 8.38
CA GLY A 157 -13.20 14.58 7.15
C GLY A 157 -12.82 13.11 7.20
N GLY A 158 -11.73 12.75 6.51
CA GLY A 158 -11.30 11.34 6.33
C GLY A 158 -11.64 10.78 4.96
N PHE A 159 -11.62 9.46 4.87
CA PHE A 159 -11.87 8.68 3.64
C PHE A 159 -12.73 7.47 4.02
N ASP A 160 -13.80 7.19 3.26
CA ASP A 160 -14.84 6.21 3.61
C ASP A 160 -14.63 4.87 2.89
N GLY A 161 -13.56 4.73 2.09
CA GLY A 161 -13.29 3.56 1.23
C GLY A 161 -13.50 3.82 -0.25
N THR A 162 -14.35 4.79 -0.59
CA THR A 162 -14.65 5.28 -1.98
C THR A 162 -14.34 6.77 -2.08
N ASN A 163 -15.00 7.58 -1.23
CA ASN A 163 -15.00 9.07 -1.28
C ASN A 163 -14.10 9.64 -0.18
N ARG A 164 -13.33 10.65 -0.53
CA ARG A 164 -12.67 11.55 0.41
C ARG A 164 -13.72 12.52 0.91
N LEU A 165 -13.67 12.91 2.18
CA LEU A 165 -14.84 13.49 2.86
C LEU A 165 -14.63 14.97 3.20
N ASN A 166 -15.66 15.78 2.99
CA ASN A 166 -15.81 17.14 3.59
C ASN A 166 -16.82 17.04 4.74
N SER A 167 -17.50 15.90 4.90
CA SER A 167 -18.56 15.72 5.92
C SER A 167 -17.95 15.69 7.33
N ALA A 168 -18.76 16.03 8.32
CA ALA A 168 -18.37 15.98 9.74
C ALA A 168 -19.59 15.56 10.51
N GLU A 169 -19.35 14.96 11.66
CA GLU A 169 -20.43 14.47 12.51
C GLU A 169 -20.04 14.66 13.96
N CYS A 170 -21.06 14.62 14.81
CA CYS A 170 -21.01 14.97 16.24
C CYS A 170 -21.50 13.76 17.03
N TYR A 171 -20.75 13.33 18.07
CA TYR A 171 -21.16 12.26 19.01
C TYR A 171 -21.60 12.85 20.36
N TYR A 172 -22.74 12.40 20.78
CA TYR A 172 -23.44 12.72 22.07
C TYR A 172 -23.23 11.58 23.02
N PRO A 173 -22.25 11.65 23.93
CA PRO A 173 -21.95 10.52 24.81
C PRO A 173 -23.06 10.13 25.77
N GLU A 174 -23.83 11.07 26.30
CA GLU A 174 -24.92 10.72 27.26
C GLU A 174 -26.00 9.95 26.49
N ARG A 175 -26.35 10.37 25.29
CA ARG A 175 -27.36 9.68 24.44
C ARG A 175 -26.76 8.47 23.71
N ASN A 176 -25.44 8.44 23.47
CA ASN A 176 -24.67 7.42 22.69
C ASN A 176 -25.21 7.40 21.26
N GLU A 177 -25.12 8.54 20.57
CA GLU A 177 -25.56 8.64 19.16
C GLU A 177 -24.80 9.73 18.43
N TRP A 178 -24.75 9.60 17.13
CA TRP A 178 -24.02 10.51 16.23
C TRP A 178 -25.05 11.29 15.41
N ARG A 179 -24.67 12.47 14.96
CA ARG A 179 -25.50 13.34 14.08
C ARG A 179 -24.56 14.05 13.10
N MET A 180 -24.94 14.08 11.83
CA MET A 180 -24.17 14.81 10.80
C MET A 180 -24.22 16.29 11.17
N ILE A 181 -23.11 17.02 11.04
CA ILE A 181 -23.10 18.49 11.22
C ILE A 181 -22.90 19.15 9.85
N THR A 182 -22.74 20.48 9.84
CA THR A 182 -22.45 21.18 8.56
C THR A 182 -21.10 20.67 8.06
N ALA A 183 -21.06 20.30 6.78
CA ALA A 183 -19.80 19.87 6.14
C ALA A 183 -18.81 21.03 6.02
N MET A 184 -17.53 20.68 6.00
CA MET A 184 -16.45 21.58 5.57
C MET A 184 -16.62 22.01 4.12
N ASN A 185 -16.03 23.17 3.79
CA ASN A 185 -16.02 23.72 2.42
C ASN A 185 -15.02 22.95 1.58
N THR A 186 -14.12 22.18 2.20
CA THR A 186 -13.03 21.45 1.53
C THR A 186 -13.11 19.96 1.89
N ILE A 187 -12.97 19.08 0.93
CA ILE A 187 -12.67 17.64 1.18
C ILE A 187 -11.30 17.58 1.84
N ARG A 188 -11.15 16.91 2.99
CA ARG A 188 -9.85 16.79 3.71
C ARG A 188 -9.74 15.40 4.35
N SER A 189 -8.74 14.60 3.97
CA SER A 189 -8.26 13.42 4.73
C SER A 189 -6.88 13.77 5.28
N GLY A 190 -6.56 13.23 6.45
CA GLY A 190 -5.28 13.46 7.13
C GLY A 190 -5.10 14.92 7.54
N ALA A 191 -6.18 15.60 7.89
CA ALA A 191 -6.17 17.00 8.37
C ALA A 191 -5.75 17.01 9.85
N GLY A 192 -5.17 18.09 10.32
CA GLY A 192 -5.04 18.30 11.77
C GLY A 192 -6.31 18.95 12.30
N VAL A 193 -6.93 18.36 13.33
CA VAL A 193 -8.18 18.92 13.88
C VAL A 193 -8.00 19.15 15.37
N CYS A 194 -8.36 20.33 15.86
CA CYS A 194 -8.14 20.68 17.29
C CYS A 194 -9.25 21.68 17.69
N VAL A 195 -9.38 21.96 18.97
CA VAL A 195 -10.34 22.98 19.46
C VAL A 195 -9.56 24.16 20.04
N LEU A 196 -9.96 25.38 19.72
CA LEU A 196 -9.35 26.59 20.31
C LEU A 196 -10.48 27.60 20.57
N HIS A 197 -10.67 27.99 21.82
CA HIS A 197 -11.66 29.01 22.25
C HIS A 197 -13.04 28.71 21.67
N ASN A 198 -13.57 27.52 21.90
CA ASN A 198 -14.98 27.20 21.49
C ASN A 198 -15.13 27.11 19.95
N CYS A 199 -14.03 27.02 19.20
CA CYS A 199 -14.08 26.73 17.75
C CYS A 199 -13.30 25.44 17.43
N ILE A 200 -13.75 24.67 16.44
CA ILE A 200 -12.97 23.56 15.85
C ILE A 200 -12.19 24.09 14.65
N TYR A 201 -10.91 23.80 14.59
CA TYR A 201 -10.08 24.07 13.41
C TYR A 201 -9.71 22.77 12.70
N ALA A 202 -9.78 22.79 11.37
CA ALA A 202 -9.32 21.72 10.49
C ALA A 202 -8.26 22.36 9.59
N ALA A 203 -7.01 21.97 9.77
CA ALA A 203 -5.84 22.54 9.08
C ALA A 203 -5.27 21.47 8.16
N GLY A 204 -5.02 21.87 6.92
CA GLY A 204 -4.39 21.01 5.91
C GLY A 204 -5.17 19.75 5.59
N GLY A 205 -4.42 18.68 5.29
CA GLY A 205 -4.94 17.43 4.78
C GLY A 205 -4.77 17.35 3.28
N TYR A 206 -5.46 16.41 2.69
CA TYR A 206 -5.39 16.04 1.25
C TYR A 206 -6.81 16.01 0.70
N ASP A 207 -7.03 16.68 -0.44
CA ASP A 207 -8.36 16.80 -1.08
C ASP A 207 -8.53 15.76 -2.19
N GLY A 208 -7.56 14.87 -2.42
CA GLY A 208 -7.66 13.87 -3.49
C GLY A 208 -6.71 14.18 -4.64
N GLN A 209 -6.27 15.43 -4.76
CA GLN A 209 -5.36 15.98 -5.79
C GLN A 209 -4.09 16.57 -5.14
N ASP A 210 -4.24 17.40 -4.10
CA ASP A 210 -3.10 18.14 -3.49
C ASP A 210 -3.17 18.10 -1.97
N GLN A 211 -2.01 18.27 -1.33
CA GLN A 211 -1.88 18.57 0.11
C GLN A 211 -2.33 20.04 0.23
N LEU A 212 -2.97 20.38 1.34
CA LEU A 212 -3.67 21.65 1.55
C LEU A 212 -2.91 22.50 2.55
N ASN A 213 -2.89 23.80 2.32
CA ASN A 213 -2.42 24.75 3.35
C ASN A 213 -3.61 25.51 3.95
N SER A 214 -4.82 25.32 3.41
CA SER A 214 -6.05 25.98 3.90
C SER A 214 -6.40 25.48 5.30
N VAL A 215 -7.09 26.33 6.03
CA VAL A 215 -7.55 26.11 7.43
C VAL A 215 -8.97 26.62 7.50
N GLU A 216 -9.88 25.80 7.97
CA GLU A 216 -11.31 26.15 8.21
C GLU A 216 -11.57 26.07 9.72
N ARG A 217 -12.42 26.96 10.20
CA ARG A 217 -12.83 27.06 11.61
C ARG A 217 -14.34 26.85 11.67
N TYR A 218 -14.81 25.96 12.54
CA TYR A 218 -16.23 25.68 12.81
C TYR A 218 -16.66 26.52 14.02
N ASP A 219 -17.75 27.24 13.82
CA ASP A 219 -18.43 28.09 14.81
C ASP A 219 -19.73 27.37 15.20
N VAL A 220 -19.83 26.88 16.45
CA VAL A 220 -20.93 25.96 16.84
C VAL A 220 -22.26 26.70 16.80
N ALA A 221 -22.26 27.96 17.21
CA ALA A 221 -23.44 28.85 17.25
C ALA A 221 -24.10 28.82 15.86
N THR A 222 -23.42 29.37 14.84
CA THR A 222 -23.97 29.44 13.45
C THR A 222 -23.84 28.09 12.75
N ALA A 223 -23.07 27.14 13.31
CA ALA A 223 -22.87 25.78 12.73
C ALA A 223 -22.34 25.94 11.30
N THR A 224 -21.32 26.78 11.10
CA THR A 224 -20.68 26.96 9.78
C THR A 224 -19.16 26.86 9.89
N TRP A 225 -18.53 26.54 8.76
CA TRP A 225 -17.08 26.50 8.57
C TRP A 225 -16.68 27.73 7.75
N THR A 226 -15.69 28.48 8.23
CA THR A 226 -15.14 29.66 7.52
C THR A 226 -13.64 29.44 7.35
N PHE A 227 -13.03 29.96 6.29
CA PHE A 227 -11.55 29.89 6.11
C PHE A 227 -10.91 30.91 7.02
N VAL A 228 -9.79 30.55 7.61
CA VAL A 228 -8.94 31.54 8.30
C VAL A 228 -7.62 31.61 7.50
N ALA A 229 -6.61 32.27 8.03
CA ALA A 229 -5.32 32.38 7.32
C ALA A 229 -4.81 30.96 7.06
N PRO A 230 -4.31 30.69 5.84
CA PRO A 230 -3.66 29.41 5.54
C PRO A 230 -2.27 29.30 6.20
N MET A 231 -1.82 28.06 6.34
CA MET A 231 -0.46 27.77 6.80
C MET A 231 0.54 28.16 5.69
N LYS A 232 1.78 28.36 6.09
CA LYS A 232 2.85 28.62 5.09
C LYS A 232 3.03 27.35 4.24
N HIS A 233 3.05 26.17 4.87
CA HIS A 233 3.35 24.89 4.18
C HIS A 233 2.06 24.06 4.05
N ARG A 234 1.80 23.56 2.84
CA ARG A 234 0.78 22.52 2.58
C ARG A 234 1.23 21.29 3.38
N ARG A 235 0.31 20.67 4.09
CA ARG A 235 0.68 19.44 4.85
C ARG A 235 -0.53 18.56 5.05
N SER A 236 -0.31 17.25 4.92
CA SER A 236 -1.26 16.21 5.33
C SER A 236 -0.54 15.27 6.32
N ALA A 237 -1.32 14.49 7.07
CA ALA A 237 -0.82 13.63 8.16
C ALA A 237 0.07 14.47 9.08
N LEU A 238 -0.40 15.67 9.46
CA LEU A 238 0.35 16.61 10.34
C LEU A 238 -0.03 16.33 11.79
N GLY A 239 0.82 16.66 12.73
CA GLY A 239 0.41 16.68 14.15
C GLY A 239 -0.18 18.03 14.49
N ILE A 240 -1.10 18.08 15.44
CA ILE A 240 -1.73 19.38 15.84
C ILE A 240 -2.02 19.35 17.31
N THR A 241 -1.85 20.49 17.96
CA THR A 241 -2.30 20.66 19.35
C THR A 241 -2.44 22.14 19.64
N VAL A 242 -2.91 22.45 20.83
CA VAL A 242 -3.13 23.85 21.26
C VAL A 242 -2.32 24.03 22.53
N HIS A 243 -1.61 25.14 22.64
CA HIS A 243 -0.74 25.48 23.79
C HIS A 243 -0.85 27.00 23.97
N GLN A 244 -1.34 27.39 25.14
CA GLN A 244 -1.52 28.81 25.57
C GLN A 244 -2.20 29.60 24.45
N GLY A 245 -3.41 29.15 24.07
CA GLY A 245 -4.30 29.92 23.20
C GLY A 245 -3.81 29.99 21.78
N ARG A 246 -2.87 29.13 21.39
CA ARG A 246 -2.32 29.12 20.02
C ARG A 246 -2.33 27.69 19.50
N ILE A 247 -2.49 27.51 18.19
CA ILE A 247 -2.44 26.19 17.51
C ILE A 247 -1.01 25.92 17.08
N TYR A 248 -0.47 24.71 17.35
CA TYR A 248 0.84 24.27 16.80
C TYR A 248 0.56 23.16 15.81
N VAL A 249 1.07 23.28 14.60
CA VAL A 249 1.04 22.14 13.63
C VAL A 249 2.48 21.65 13.49
N LEU A 250 2.67 20.34 13.50
CA LEU A 250 4.00 19.67 13.52
C LEU A 250 4.10 18.74 12.32
N GLY A 251 5.08 18.97 11.47
CA GLY A 251 5.43 18.00 10.43
C GLY A 251 4.32 17.77 9.44
N GLY A 252 4.26 16.55 8.91
CA GLY A 252 3.39 16.20 7.77
C GLY A 252 4.14 16.05 6.47
N TYR A 253 3.38 15.72 5.46
CA TYR A 253 3.83 15.49 4.07
C TYR A 253 3.26 16.63 3.20
N ASP A 254 4.14 17.30 2.43
CA ASP A 254 3.77 18.52 1.66
C ASP A 254 3.62 18.20 0.18
N GLY A 255 3.63 16.92 -0.18
CA GLY A 255 3.53 16.47 -1.58
C GLY A 255 4.87 16.05 -2.19
N HIS A 256 5.99 16.50 -1.63
CA HIS A 256 7.38 16.19 -2.07
C HIS A 256 8.24 15.69 -0.89
N THR A 257 8.10 16.32 0.27
CA THR A 257 9.00 16.27 1.44
C THR A 257 8.26 15.91 2.74
N PHE A 258 8.91 15.21 3.66
CA PHE A 258 8.42 15.01 5.04
C PHE A 258 8.91 16.21 5.82
N LEU A 259 8.00 17.05 6.30
CA LEU A 259 8.31 18.38 6.89
C LEU A 259 8.85 18.23 8.30
N ASP A 260 9.83 19.07 8.65
CA ASP A 260 10.27 19.28 10.04
C ASP A 260 9.69 20.60 10.60
N SER A 261 9.01 21.38 9.76
CA SER A 261 8.45 22.72 10.10
C SER A 261 7.37 22.60 11.19
N VAL A 262 7.50 23.40 12.23
CA VAL A 262 6.42 23.62 13.23
C VAL A 262 5.91 25.04 13.01
N GLU A 263 4.62 25.19 12.67
CA GLU A 263 3.94 26.51 12.57
C GLU A 263 3.01 26.73 13.74
N CYS A 264 2.78 28.00 14.06
CA CYS A 264 2.01 28.47 15.21
C CYS A 264 0.97 29.48 14.74
N TYR A 265 -0.29 29.25 15.10
CA TYR A 265 -1.43 30.11 14.74
C TYR A 265 -1.83 30.94 15.95
N ASP A 266 -1.80 32.26 15.78
CA ASP A 266 -2.30 33.23 16.77
C ASP A 266 -3.71 33.65 16.34
N PRO A 267 -4.76 33.26 17.09
CA PRO A 267 -6.12 33.58 16.67
C PRO A 267 -6.41 35.09 16.72
N ASP A 268 -5.63 35.84 17.50
CA ASP A 268 -5.84 37.29 17.82
C ASP A 268 -5.50 38.12 16.59
N THR A 269 -4.47 37.69 15.84
CA THR A 269 -3.95 38.37 14.63
C THR A 269 -4.29 37.58 13.36
N ASP A 270 -4.80 36.35 13.49
CA ASP A 270 -5.11 35.46 12.33
C ASP A 270 -3.86 35.33 11.45
N THR A 271 -2.70 35.01 12.05
CA THR A 271 -1.43 34.78 11.31
C THR A 271 -0.80 33.47 11.80
N TRP A 272 -0.16 32.76 10.89
CA TRP A 272 0.74 31.61 11.16
C TRP A 272 2.20 32.10 11.18
N SER A 273 3.02 31.59 12.08
CA SER A 273 4.50 31.81 12.09
C SER A 273 5.24 30.49 12.25
N GLU A 274 6.39 30.33 11.61
CA GLU A 274 7.31 29.21 11.88
C GLU A 274 7.95 29.48 13.24
N VAL A 275 7.93 28.52 14.15
CA VAL A 275 8.36 28.78 15.55
C VAL A 275 9.57 27.92 15.88
N THR A 276 9.78 26.82 15.17
CA THR A 276 10.88 25.87 15.46
C THR A 276 10.88 24.82 14.37
N ARG A 277 11.85 23.91 14.46
CA ARG A 277 11.94 22.72 13.60
C ARG A 277 12.00 21.49 14.51
N MET A 278 11.30 20.43 14.14
CA MET A 278 11.54 19.12 14.79
C MET A 278 12.98 18.74 14.43
N THR A 279 13.57 17.84 15.20
CA THR A 279 14.97 17.34 15.02
C THR A 279 15.10 16.62 13.67
N SER A 280 14.00 16.08 13.12
CA SER A 280 13.95 15.45 11.78
C SER A 280 12.54 15.49 11.21
N GLY A 281 12.40 15.46 9.89
CA GLY A 281 11.13 15.60 9.18
C GLY A 281 10.34 14.31 9.30
N ARG A 282 9.02 14.40 9.46
CA ARG A 282 8.21 13.18 9.66
C ARG A 282 6.73 13.54 9.56
N SER A 283 5.92 12.58 9.21
CA SER A 283 4.45 12.72 9.13
C SER A 283 3.79 11.70 10.06
N GLY A 284 2.47 11.81 10.26
CA GLY A 284 1.70 10.74 10.96
C GLY A 284 2.09 10.62 12.42
N VAL A 285 2.46 11.70 13.07
CA VAL A 285 2.83 11.68 14.51
C VAL A 285 1.58 11.77 15.37
N GLY A 286 1.70 11.33 16.63
CA GLY A 286 0.70 11.59 17.68
C GLY A 286 1.19 12.72 18.55
N VAL A 287 0.34 13.70 18.83
CA VAL A 287 0.75 14.91 19.60
C VAL A 287 -0.20 15.10 20.79
N ALA A 288 0.31 15.56 21.91
CA ALA A 288 -0.55 16.01 23.02
C ALA A 288 0.25 16.90 24.00
N VAL A 289 -0.44 17.55 24.92
CA VAL A 289 0.14 18.59 25.80
C VAL A 289 -0.10 18.14 27.23
N THR A 290 0.96 18.13 28.03
CA THR A 290 0.85 17.94 29.50
C THR A 290 2.11 18.47 30.19
N ARG B 7 1.48 -19.62 3.11
CA ARG B 7 1.52 -18.90 1.81
C ARG B 7 1.12 -19.89 0.69
N LEU B 8 0.23 -19.48 -0.24
CA LEU B 8 -0.26 -20.29 -1.38
C LEU B 8 0.25 -19.75 -2.73
N ILE B 9 0.27 -20.64 -3.72
CA ILE B 9 0.56 -20.29 -5.15
C ILE B 9 -0.78 -20.13 -5.87
N TYR B 10 -1.14 -18.89 -6.16
CA TYR B 10 -2.37 -18.54 -6.91
C TYR B 10 -2.06 -18.63 -8.41
N THR B 11 -2.97 -19.22 -9.20
CA THR B 11 -2.97 -19.27 -10.68
C THR B 11 -4.33 -18.76 -11.13
N ALA B 12 -4.30 -17.65 -11.87
CA ALA B 12 -5.48 -16.92 -12.38
C ALA B 12 -5.51 -17.05 -13.89
N GLY B 13 -6.67 -17.36 -14.45
CA GLY B 13 -6.93 -17.32 -15.89
C GLY B 13 -6.16 -18.39 -16.61
N GLY B 14 -5.77 -18.09 -17.82
CA GLY B 14 -5.07 -19.06 -18.66
C GLY B 14 -5.93 -19.41 -19.88
N TYR B 15 -5.48 -20.39 -20.63
CA TYR B 15 -6.10 -20.74 -21.93
C TYR B 15 -6.15 -22.24 -22.09
N PHE B 16 -7.34 -22.72 -22.44
CA PHE B 16 -7.57 -24.08 -23.01
C PHE B 16 -8.84 -24.02 -23.85
N ARG B 17 -8.68 -23.90 -25.17
CA ARG B 17 -9.76 -23.75 -26.20
C ARG B 17 -10.30 -22.33 -26.22
N GLN B 18 -10.38 -21.71 -25.06
CA GLN B 18 -10.75 -20.28 -24.92
C GLN B 18 -10.10 -19.80 -23.63
N SER B 19 -10.07 -18.50 -23.45
CA SER B 19 -9.56 -17.87 -22.20
C SER B 19 -10.41 -18.34 -21.01
N LEU B 20 -9.76 -18.53 -19.85
CA LEU B 20 -10.37 -19.18 -18.66
C LEU B 20 -10.60 -18.16 -17.54
N SER B 21 -11.48 -18.48 -16.61
CA SER B 21 -11.87 -17.61 -15.47
C SER B 21 -11.35 -18.18 -14.15
N TYR B 22 -10.61 -19.28 -14.19
CA TYR B 22 -10.18 -20.03 -12.98
C TYR B 22 -9.32 -19.13 -12.10
N LEU B 23 -9.61 -19.14 -10.81
CA LEU B 23 -8.62 -18.87 -9.76
C LEU B 23 -8.49 -20.13 -8.91
N GLU B 24 -7.28 -20.67 -8.84
CA GLU B 24 -7.00 -21.85 -8.02
C GLU B 24 -5.72 -21.55 -7.26
N ALA B 25 -5.54 -22.19 -6.13
CA ALA B 25 -4.41 -21.89 -5.23
C ALA B 25 -3.83 -23.21 -4.78
N TYR B 26 -2.51 -23.35 -4.89
CA TYR B 26 -1.82 -24.60 -4.49
C TYR B 26 -1.10 -24.33 -3.17
N ASN B 27 -1.19 -25.28 -2.25
CA ASN B 27 -0.50 -25.30 -0.94
C ASN B 27 0.60 -26.36 -0.98
N PRO B 28 1.86 -25.96 -1.19
CA PRO B 28 2.95 -26.92 -1.29
C PRO B 28 3.17 -27.71 0.00
N SER B 29 2.84 -27.12 1.14
CA SER B 29 3.16 -27.75 2.45
C SER B 29 2.29 -29.03 2.59
N ASP B 30 1.07 -29.08 2.04
CA ASP B 30 0.21 -30.29 2.14
C ASP B 30 -0.36 -30.77 0.78
N GLY B 31 0.10 -30.22 -0.36
CA GLY B 31 -0.20 -30.70 -1.73
C GLY B 31 -1.66 -30.57 -2.18
N THR B 32 -2.43 -29.65 -1.62
CA THR B 32 -3.86 -29.50 -2.00
C THR B 32 -4.06 -28.29 -2.93
N TRP B 33 -5.09 -28.36 -3.75
CA TRP B 33 -5.60 -27.27 -4.63
C TRP B 33 -6.92 -26.72 -4.08
N LEU B 34 -7.04 -25.40 -3.98
CA LEU B 34 -8.31 -24.70 -3.65
C LEU B 34 -8.90 -24.20 -4.97
N ARG B 35 -10.23 -24.25 -5.11
CA ARG B 35 -10.98 -23.54 -6.18
C ARG B 35 -11.62 -22.29 -5.58
N LEU B 36 -11.14 -21.10 -5.98
CA LEU B 36 -11.57 -19.79 -5.45
C LEU B 36 -12.48 -19.10 -6.47
N ALA B 37 -12.89 -17.85 -6.17
CA ALA B 37 -13.86 -17.12 -6.99
C ALA B 37 -13.32 -16.97 -8.42
N ASP B 38 -14.16 -17.26 -9.41
CA ASP B 38 -13.77 -17.10 -10.83
C ASP B 38 -13.48 -15.60 -11.06
N LEU B 39 -12.55 -15.26 -11.95
CA LEU B 39 -12.41 -13.89 -12.53
C LEU B 39 -13.76 -13.39 -13.06
N GLN B 40 -14.05 -12.09 -12.97
CA GLN B 40 -15.28 -11.53 -13.56
C GLN B 40 -15.27 -11.74 -15.09
N VAL B 41 -14.09 -11.69 -15.71
CA VAL B 41 -13.92 -11.79 -17.18
C VAL B 41 -12.79 -12.76 -17.47
N PRO B 42 -12.96 -13.66 -18.44
CA PRO B 42 -11.94 -14.66 -18.73
C PRO B 42 -10.70 -13.94 -19.27
N ARG B 43 -9.53 -14.52 -19.00
CA ARG B 43 -8.23 -13.92 -19.36
C ARG B 43 -7.13 -14.94 -19.50
N SER B 44 -6.40 -14.79 -20.60
CA SER B 44 -5.11 -15.46 -20.87
C SER B 44 -4.08 -14.39 -21.25
N GLY B 45 -2.82 -14.74 -21.10
CA GLY B 45 -1.70 -13.84 -21.43
C GLY B 45 -1.63 -12.70 -20.43
N LEU B 46 -2.22 -12.89 -19.24
CA LEU B 46 -2.24 -11.85 -18.18
C LEU B 46 -0.97 -12.07 -17.35
N ALA B 47 -0.75 -11.21 -16.36
CA ALA B 47 0.22 -11.47 -15.30
C ALA B 47 -0.43 -11.25 -13.94
N GLY B 48 0.12 -11.94 -12.94
CA GLY B 48 -0.33 -11.87 -11.54
C GLY B 48 0.73 -11.19 -10.71
N CYS B 49 0.34 -10.46 -9.68
CA CYS B 49 1.33 -10.03 -8.68
C CYS B 49 0.58 -9.78 -7.38
N VAL B 50 1.33 -9.63 -6.29
CA VAL B 50 0.75 -9.38 -4.96
C VAL B 50 1.31 -8.07 -4.43
N VAL B 51 0.44 -7.18 -3.98
CA VAL B 51 0.80 -5.99 -3.17
C VAL B 51 -0.05 -6.00 -1.91
N GLY B 52 0.62 -5.94 -0.75
CA GLY B 52 -0.03 -5.89 0.59
C GLY B 52 -1.08 -6.99 0.72
N GLY B 53 -0.71 -8.22 0.42
CA GLY B 53 -1.61 -9.38 0.58
C GLY B 53 -2.83 -9.37 -0.33
N LEU B 54 -2.88 -8.48 -1.34
CA LEU B 54 -3.95 -8.55 -2.38
C LEU B 54 -3.32 -9.07 -3.67
N LEU B 55 -4.08 -9.85 -4.43
CA LEU B 55 -3.64 -10.46 -5.71
C LEU B 55 -4.17 -9.56 -6.81
N TYR B 56 -3.32 -9.20 -7.75
CA TYR B 56 -3.73 -8.39 -8.92
C TYR B 56 -3.57 -9.23 -10.19
N ALA B 57 -4.59 -9.18 -11.04
CA ALA B 57 -4.61 -9.79 -12.40
C ALA B 57 -4.51 -8.65 -13.41
N VAL B 58 -3.44 -8.61 -14.19
CA VAL B 58 -3.11 -7.41 -15.01
C VAL B 58 -3.10 -7.84 -16.48
N GLY B 59 -3.82 -7.07 -17.30
CA GLY B 59 -3.80 -7.21 -18.77
C GLY B 59 -4.27 -8.59 -19.22
N GLY B 60 -3.73 -9.04 -20.34
CA GLY B 60 -4.11 -10.28 -21.04
C GLY B 60 -5.17 -10.02 -22.10
N ARG B 61 -5.99 -11.02 -22.34
CA ARG B 61 -6.87 -11.12 -23.52
C ARG B 61 -8.01 -12.08 -23.19
N ASN B 62 -9.20 -11.79 -23.70
CA ASN B 62 -10.29 -12.79 -23.75
C ASN B 62 -10.34 -13.43 -25.14
N ASN B 63 -9.64 -14.55 -25.34
CA ASN B 63 -9.75 -15.39 -26.56
C ASN B 63 -11.07 -16.15 -26.44
N SER B 64 -12.01 -15.91 -27.34
CA SER B 64 -13.27 -16.70 -27.34
C SER B 64 -13.81 -16.82 -28.76
N PRO B 65 -14.74 -17.78 -28.98
CA PRO B 65 -15.45 -17.87 -30.25
C PRO B 65 -16.18 -16.57 -30.61
N ASP B 66 -16.65 -15.83 -29.60
CA ASP B 66 -17.41 -14.56 -29.73
C ASP B 66 -16.51 -13.45 -30.29
N GLY B 67 -15.20 -13.70 -30.37
CA GLY B 67 -14.18 -12.73 -30.79
C GLY B 67 -13.15 -12.49 -29.70
N ASN B 68 -11.99 -11.98 -30.10
CA ASN B 68 -10.80 -11.78 -29.24
C ASN B 68 -10.79 -10.33 -28.79
N THR B 69 -10.49 -10.07 -27.52
CA THR B 69 -10.43 -8.68 -26.98
C THR B 69 -9.24 -8.57 -26.04
N ASP B 70 -8.25 -7.78 -26.43
CA ASP B 70 -7.06 -7.48 -25.58
C ASP B 70 -7.55 -6.66 -24.38
N SER B 71 -7.03 -6.95 -23.20
CA SER B 71 -7.50 -6.35 -21.93
C SER B 71 -6.54 -5.26 -21.46
N SER B 72 -7.11 -4.16 -20.97
CA SER B 72 -6.36 -3.11 -20.25
C SER B 72 -6.73 -3.21 -18.75
N ALA B 73 -7.39 -4.31 -18.35
CA ALA B 73 -8.06 -4.40 -17.04
C ALA B 73 -6.99 -4.62 -15.97
N LEU B 74 -7.25 -4.04 -14.81
CA LEU B 74 -6.59 -4.43 -13.55
C LEU B 74 -7.70 -4.85 -12.60
N ASP B 75 -7.63 -6.09 -12.09
CA ASP B 75 -8.60 -6.57 -11.09
C ASP B 75 -7.82 -7.04 -9.87
N CYS B 76 -8.46 -6.85 -8.73
CA CYS B 76 -7.90 -7.13 -7.39
C CYS B 76 -8.75 -8.22 -6.73
N TYR B 77 -8.11 -9.25 -6.21
CA TYR B 77 -8.76 -10.33 -5.45
C TYR B 77 -8.31 -10.19 -4.00
N ASN B 78 -9.27 -10.06 -3.09
CA ASN B 78 -9.02 -10.12 -1.63
C ASN B 78 -9.21 -11.56 -1.13
N PRO B 79 -8.15 -12.27 -0.74
CA PRO B 79 -8.30 -13.63 -0.23
C PRO B 79 -9.20 -13.73 1.01
N MET B 80 -9.31 -12.66 1.79
CA MET B 80 -10.17 -12.62 3.01
C MET B 80 -11.65 -12.70 2.61
N THR B 81 -12.04 -12.11 1.47
CA THR B 81 -13.47 -11.99 1.08
C THR B 81 -13.82 -12.94 -0.08
N ASN B 82 -12.80 -13.55 -0.68
CA ASN B 82 -12.94 -14.41 -1.88
C ASN B 82 -13.75 -13.68 -2.95
N GLN B 83 -13.40 -12.40 -3.20
CA GLN B 83 -14.10 -11.56 -4.18
C GLN B 83 -13.09 -10.74 -5.02
N TRP B 84 -13.37 -10.65 -6.31
CA TRP B 84 -12.65 -9.85 -7.33
C TRP B 84 -13.30 -8.49 -7.39
N SER B 85 -12.52 -7.43 -7.44
CA SER B 85 -13.03 -6.03 -7.63
C SER B 85 -12.24 -5.38 -8.75
N PRO B 86 -12.88 -4.67 -9.70
CA PRO B 86 -12.13 -3.89 -10.68
C PRO B 86 -11.32 -2.75 -10.04
N CYS B 87 -10.13 -2.50 -10.55
CA CYS B 87 -9.28 -1.32 -10.24
C CYS B 87 -9.20 -0.43 -11.49
N ALA B 88 -8.43 0.66 -11.44
CA ALA B 88 -8.32 1.56 -12.61
C ALA B 88 -7.65 0.78 -13.74
N PRO B 89 -8.17 0.88 -14.98
CA PRO B 89 -7.56 0.21 -16.12
C PRO B 89 -6.25 0.89 -16.55
N MET B 90 -5.39 0.14 -17.24
CA MET B 90 -4.13 0.66 -17.80
C MET B 90 -4.43 1.58 -19.00
N SER B 91 -3.46 2.37 -19.44
CA SER B 91 -3.65 3.34 -20.55
C SER B 91 -3.96 2.59 -21.85
N VAL B 92 -3.44 1.38 -22.03
CA VAL B 92 -3.62 0.60 -23.29
C VAL B 92 -3.84 -0.86 -22.90
N PRO B 93 -4.58 -1.66 -23.71
CA PRO B 93 -4.54 -3.11 -23.55
C PRO B 93 -3.13 -3.69 -23.67
N ARG B 94 -2.84 -4.75 -22.90
CA ARG B 94 -1.54 -5.42 -22.97
C ARG B 94 -1.79 -6.92 -22.81
N ASN B 95 -1.80 -7.63 -23.93
CA ASN B 95 -1.84 -9.11 -23.95
C ASN B 95 -0.38 -9.57 -23.89
N ARG B 96 -0.11 -10.71 -23.28
CA ARG B 96 1.28 -11.26 -23.15
C ARG B 96 2.15 -10.21 -22.43
N ILE B 97 1.57 -9.63 -21.39
CA ILE B 97 2.17 -8.65 -20.46
C ILE B 97 3.26 -9.30 -19.61
N GLY B 98 4.21 -8.47 -19.20
CA GLY B 98 5.08 -8.73 -18.05
C GLY B 98 4.80 -7.76 -16.92
N VAL B 99 4.89 -8.23 -15.69
CA VAL B 99 4.60 -7.41 -14.49
C VAL B 99 5.70 -7.64 -13.45
N GLY B 100 6.12 -6.54 -12.84
CA GLY B 100 6.98 -6.55 -11.63
C GLY B 100 6.52 -5.53 -10.62
N VAL B 101 6.86 -5.75 -9.36
CA VAL B 101 6.45 -4.83 -8.27
C VAL B 101 7.72 -4.23 -7.66
N ILE B 102 7.79 -2.91 -7.57
CA ILE B 102 8.86 -2.24 -6.77
C ILE B 102 8.18 -1.37 -5.72
N ASP B 103 8.48 -1.64 -4.45
CA ASP B 103 8.11 -0.71 -3.37
C ASP B 103 6.59 -0.50 -3.41
N GLY B 104 5.81 -1.57 -3.60
CA GLY B 104 4.33 -1.52 -3.56
C GLY B 104 3.73 -0.90 -4.82
N HIS B 105 4.51 -0.67 -5.87
CA HIS B 105 4.00 -0.18 -7.18
C HIS B 105 4.07 -1.29 -8.23
N ILE B 106 3.02 -1.43 -9.04
CA ILE B 106 2.97 -2.48 -10.10
C ILE B 106 3.46 -1.85 -11.41
N TYR B 107 4.52 -2.42 -12.00
CA TYR B 107 4.94 -2.05 -13.38
C TYR B 107 4.32 -3.02 -14.39
N ALA B 108 3.62 -2.46 -15.37
CA ALA B 108 3.09 -3.16 -16.56
C ALA B 108 4.05 -2.88 -17.72
N VAL B 109 4.65 -3.96 -18.22
CA VAL B 109 5.78 -3.93 -19.20
C VAL B 109 5.32 -4.53 -20.55
N GLY B 110 5.34 -3.73 -21.60
CA GLY B 110 5.23 -4.29 -22.96
C GLY B 110 3.87 -4.97 -23.19
N GLY B 111 3.89 -6.11 -23.88
CA GLY B 111 2.68 -6.83 -24.35
C GLY B 111 2.10 -6.17 -25.59
N SER B 112 0.96 -6.67 -26.10
CA SER B 112 0.41 -6.27 -27.41
C SER B 112 -1.04 -5.77 -27.28
N HIS B 113 -1.40 -4.83 -28.15
CA HIS B 113 -2.81 -4.44 -28.44
C HIS B 113 -3.04 -4.67 -29.94
N GLY B 114 -3.82 -5.69 -30.27
CA GLY B 114 -3.87 -6.27 -31.63
C GLY B 114 -2.47 -6.35 -32.22
N CYS B 115 -2.23 -5.61 -33.31
CA CYS B 115 -0.95 -5.65 -34.09
C CYS B 115 0.11 -4.73 -33.47
N ILE B 116 -0.24 -3.84 -32.53
CA ILE B 116 0.76 -2.97 -31.83
C ILE B 116 1.52 -3.75 -30.77
N HIS B 117 2.85 -3.83 -30.89
CA HIS B 117 3.78 -4.40 -29.90
C HIS B 117 4.35 -3.24 -29.06
N HIS B 118 3.93 -3.12 -27.80
CA HIS B 118 4.32 -2.03 -26.87
C HIS B 118 5.80 -2.07 -26.52
N ASN B 119 6.45 -0.91 -26.55
CA ASN B 119 7.69 -0.72 -25.75
C ASN B 119 7.34 0.10 -24.50
N SER B 120 6.14 0.68 -24.45
CA SER B 120 5.68 1.49 -23.30
C SER B 120 5.60 0.64 -22.01
N VAL B 121 5.68 1.32 -20.88
CA VAL B 121 5.69 0.73 -19.51
C VAL B 121 4.91 1.70 -18.65
N GLU B 122 3.97 1.20 -17.84
CA GLU B 122 3.22 2.09 -16.94
C GLU B 122 3.19 1.49 -15.53
N ARG B 123 2.95 2.38 -14.58
CA ARG B 123 3.16 2.14 -13.14
C ARG B 123 1.88 2.45 -12.38
N TYR B 124 1.41 1.45 -11.63
CA TYR B 124 0.20 1.58 -10.80
C TYR B 124 0.58 1.81 -9.35
N GLU B 125 -0.09 2.79 -8.75
CA GLU B 125 0.01 3.17 -7.32
C GLU B 125 -1.28 2.75 -6.62
N PRO B 126 -1.28 1.62 -5.87
CA PRO B 126 -2.52 1.13 -5.28
C PRO B 126 -3.19 2.20 -4.41
N GLU B 127 -2.39 3.00 -3.71
CA GLU B 127 -2.81 4.06 -2.75
C GLU B 127 -3.70 5.09 -3.48
N ARG B 128 -3.33 5.50 -4.70
CA ARG B 128 -4.14 6.46 -5.50
C ARG B 128 -5.07 5.75 -6.52
N ASP B 129 -4.91 4.44 -6.77
CA ASP B 129 -5.65 3.71 -7.84
C ASP B 129 -5.44 4.47 -9.16
N GLU B 130 -4.19 4.77 -9.52
CA GLU B 130 -3.84 5.47 -10.78
C GLU B 130 -2.62 4.81 -11.41
N TRP B 131 -2.64 4.74 -12.73
CA TRP B 131 -1.50 4.35 -13.60
C TRP B 131 -0.83 5.60 -14.16
N HIS B 132 0.49 5.58 -14.32
CA HIS B 132 1.25 6.65 -15.03
C HIS B 132 2.29 6.00 -15.92
N LEU B 133 2.40 6.47 -17.17
CA LEU B 133 3.50 6.08 -18.06
C LEU B 133 4.82 6.36 -17.34
N VAL B 134 5.82 5.52 -17.55
CA VAL B 134 7.23 5.84 -17.18
C VAL B 134 8.03 5.69 -18.48
N ALA B 135 9.36 5.74 -18.42
CA ALA B 135 10.22 5.65 -19.61
C ALA B 135 9.97 4.33 -20.36
N PRO B 136 9.75 4.39 -21.69
CA PRO B 136 9.64 3.17 -22.49
C PRO B 136 10.92 2.35 -22.53
N MET B 137 10.77 1.06 -22.76
CA MET B 137 11.91 0.16 -23.01
C MET B 137 12.58 0.57 -24.33
N LEU B 138 13.82 0.16 -24.51
CA LEU B 138 14.56 0.36 -25.78
C LEU B 138 13.96 -0.53 -26.88
N THR B 139 13.38 -1.67 -26.50
CA THR B 139 12.86 -2.72 -27.40
C THR B 139 11.35 -2.94 -27.18
N ARG B 140 10.60 -3.10 -28.26
CA ARG B 140 9.18 -3.53 -28.19
C ARG B 140 9.18 -4.99 -27.72
N ARG B 141 8.42 -5.32 -26.68
CA ARG B 141 8.52 -6.69 -26.11
C ARG B 141 7.13 -7.20 -25.74
N ILE B 142 6.77 -8.39 -26.23
CA ILE B 142 5.52 -9.10 -25.82
C ILE B 142 5.95 -10.51 -25.45
N GLY B 143 5.22 -11.17 -24.57
CA GLY B 143 5.70 -12.42 -23.96
C GLY B 143 7.01 -12.17 -23.22
N VAL B 144 7.19 -10.95 -22.70
CA VAL B 144 8.41 -10.52 -21.95
C VAL B 144 8.32 -11.02 -20.50
N GLY B 145 9.42 -11.57 -19.98
CA GLY B 145 9.59 -11.91 -18.56
C GLY B 145 10.12 -10.69 -17.79
N VAL B 146 9.77 -10.61 -16.51
CA VAL B 146 10.11 -9.46 -15.64
C VAL B 146 10.64 -10.01 -14.33
N ALA B 147 11.75 -9.46 -13.90
CA ALA B 147 12.41 -9.78 -12.62
C ALA B 147 12.75 -8.48 -11.91
N VAL B 148 12.41 -8.37 -10.62
CA VAL B 148 12.85 -7.22 -9.78
C VAL B 148 13.98 -7.72 -8.86
N LEU B 149 15.12 -7.03 -8.90
CA LEU B 149 16.39 -7.38 -8.21
C LEU B 149 17.09 -6.07 -7.84
N ASN B 150 17.54 -5.93 -6.59
CA ASN B 150 18.29 -4.74 -6.13
C ASN B 150 17.49 -3.49 -6.48
N ARG B 151 16.16 -3.54 -6.35
CA ARG B 151 15.25 -2.38 -6.58
C ARG B 151 15.38 -1.94 -8.05
N LEU B 152 15.85 -2.81 -8.94
CA LEU B 152 15.75 -2.55 -10.39
C LEU B 152 14.80 -3.56 -11.02
N LEU B 153 14.26 -3.21 -12.18
CA LEU B 153 13.31 -4.07 -12.92
C LEU B 153 13.96 -4.54 -14.23
N TYR B 154 14.03 -5.85 -14.45
CA TYR B 154 14.63 -6.44 -15.67
C TYR B 154 13.51 -6.97 -16.57
N ALA B 155 13.54 -6.57 -17.84
CA ALA B 155 12.65 -7.02 -18.94
C ALA B 155 13.50 -7.93 -19.81
N VAL B 156 13.13 -9.19 -19.92
CA VAL B 156 13.97 -10.29 -20.46
C VAL B 156 13.24 -10.98 -21.63
N GLY B 157 13.89 -11.02 -22.80
CA GLY B 157 13.42 -11.75 -23.97
C GLY B 157 12.11 -11.20 -24.49
N GLY B 158 11.28 -12.09 -25.03
CA GLY B 158 10.00 -11.69 -25.62
C GLY B 158 10.07 -11.65 -27.15
N PHE B 159 9.18 -10.88 -27.74
CA PHE B 159 8.99 -10.87 -29.21
C PHE B 159 8.67 -9.44 -29.59
N ASP B 160 9.38 -8.88 -30.57
CA ASP B 160 9.16 -7.48 -31.01
C ASP B 160 8.14 -7.42 -32.15
N GLY B 161 7.56 -8.58 -32.51
CA GLY B 161 6.55 -8.66 -33.59
C GLY B 161 7.16 -9.06 -34.92
N THR B 162 8.45 -9.33 -34.95
CA THR B 162 9.20 -9.83 -36.13
C THR B 162 10.12 -10.96 -35.69
N ASN B 163 10.95 -10.70 -34.68
CA ASN B 163 11.88 -11.69 -34.12
C ASN B 163 11.62 -11.93 -32.64
N ARG B 164 11.81 -13.16 -32.20
CA ARG B 164 11.98 -13.47 -30.77
C ARG B 164 13.38 -12.98 -30.35
N LEU B 165 13.55 -12.72 -29.06
CA LEU B 165 14.71 -11.98 -28.50
C LEU B 165 15.44 -12.84 -27.48
N ASN B 166 16.76 -12.70 -27.44
CA ASN B 166 17.60 -13.18 -26.32
C ASN B 166 18.02 -11.95 -25.51
N SER B 167 17.62 -10.75 -25.95
CA SER B 167 18.04 -9.48 -25.31
C SER B 167 17.27 -9.28 -24.00
N ALA B 168 17.84 -8.46 -23.12
CA ALA B 168 17.33 -8.15 -21.77
C ALA B 168 17.76 -6.72 -21.48
N GLU B 169 16.92 -5.97 -20.77
CA GLU B 169 17.27 -4.58 -20.38
C GLU B 169 16.84 -4.35 -18.93
N CYS B 170 17.34 -3.25 -18.36
CA CYS B 170 17.30 -2.95 -16.92
C CYS B 170 16.70 -1.57 -16.77
N TYR B 171 15.73 -1.40 -15.87
CA TYR B 171 15.05 -0.12 -15.59
C TYR B 171 15.49 0.38 -14.20
N TYR B 172 15.81 1.67 -14.17
CA TYR B 172 16.30 2.48 -13.02
C TYR B 172 15.14 3.34 -12.57
N PRO B 173 14.37 2.92 -11.54
CA PRO B 173 13.17 3.66 -11.13
C PRO B 173 13.48 5.09 -10.67
N GLU B 174 14.61 5.32 -10.01
CA GLU B 174 14.92 6.68 -9.50
C GLU B 174 15.37 7.59 -10.67
N ARG B 175 16.20 7.08 -11.58
CA ARG B 175 16.66 7.81 -12.78
C ARG B 175 15.56 7.90 -13.85
N ASN B 176 14.60 6.96 -13.82
CA ASN B 176 13.57 6.72 -14.86
C ASN B 176 14.25 6.47 -16.21
N GLU B 177 15.03 5.38 -16.34
CA GLU B 177 15.68 5.09 -17.63
C GLU B 177 15.99 3.61 -17.74
N TRP B 178 16.28 3.15 -18.96
CA TRP B 178 16.56 1.75 -19.34
C TRP B 178 17.97 1.62 -19.91
N ARG B 179 18.55 0.45 -19.74
CA ARG B 179 19.89 0.10 -20.22
C ARG B 179 19.85 -1.35 -20.69
N MET B 180 20.42 -1.66 -21.85
CA MET B 180 20.57 -3.07 -22.30
C MET B 180 21.58 -3.73 -21.38
N ILE B 181 21.36 -4.99 -21.01
CA ILE B 181 22.36 -5.82 -20.28
C ILE B 181 22.82 -6.94 -21.22
N THR B 182 23.58 -7.90 -20.72
CA THR B 182 24.08 -9.02 -21.54
C THR B 182 22.86 -9.82 -21.96
N ALA B 183 22.85 -10.23 -23.24
CA ALA B 183 21.80 -11.08 -23.85
C ALA B 183 21.91 -12.49 -23.29
N MET B 184 20.79 -13.21 -23.31
CA MET B 184 20.75 -14.64 -22.88
C MET B 184 21.46 -15.48 -23.94
N ASN B 185 21.81 -16.69 -23.54
CA ASN B 185 22.36 -17.78 -24.39
C ASN B 185 21.32 -18.13 -25.47
N THR B 186 20.04 -18.21 -25.09
CA THR B 186 18.92 -18.75 -25.92
C THR B 186 17.91 -17.65 -26.20
N ILE B 187 17.38 -17.56 -27.42
CA ILE B 187 16.22 -16.69 -27.78
C ILE B 187 14.96 -17.22 -27.09
N ARG B 188 14.15 -16.35 -26.49
CA ARG B 188 13.07 -16.78 -25.56
C ARG B 188 11.92 -15.80 -25.57
N SER B 189 10.74 -16.18 -26.07
CA SER B 189 9.46 -15.48 -25.79
C SER B 189 8.54 -16.39 -24.97
N GLY B 190 7.78 -15.79 -24.06
CA GLY B 190 6.84 -16.51 -23.18
C GLY B 190 7.56 -17.49 -22.29
N ALA B 191 8.77 -17.12 -21.82
CA ALA B 191 9.54 -17.83 -20.78
C ALA B 191 8.95 -17.47 -19.41
N GLY B 192 9.13 -18.32 -18.41
CA GLY B 192 8.99 -17.94 -16.98
C GLY B 192 10.25 -17.22 -16.52
N VAL B 193 10.14 -15.96 -16.12
CA VAL B 193 11.28 -15.21 -15.52
C VAL B 193 10.99 -14.90 -14.05
N CYS B 194 11.94 -15.20 -13.17
CA CYS B 194 11.80 -14.97 -11.72
C CYS B 194 13.18 -14.74 -11.11
N VAL B 195 13.22 -14.39 -9.83
CA VAL B 195 14.45 -14.06 -9.06
C VAL B 195 14.52 -15.10 -7.95
N LEU B 196 15.65 -15.78 -7.81
CA LEU B 196 15.91 -16.67 -6.66
C LEU B 196 17.35 -16.43 -6.17
N HIS B 197 17.51 -16.14 -4.88
CA HIS B 197 18.82 -15.92 -4.20
C HIS B 197 19.69 -14.96 -5.02
N ASN B 198 19.19 -13.78 -5.38
CA ASN B 198 19.92 -12.74 -6.16
C ASN B 198 20.31 -13.14 -7.60
N CYS B 199 19.73 -14.19 -8.18
CA CYS B 199 19.95 -14.56 -9.61
C CYS B 199 18.62 -14.42 -10.38
N ILE B 200 18.63 -13.92 -11.62
CA ILE B 200 17.42 -13.92 -12.51
C ILE B 200 17.41 -15.27 -13.23
N TYR B 201 16.34 -16.05 -13.09
CA TYR B 201 16.17 -17.31 -13.85
C TYR B 201 15.24 -17.07 -15.03
N ALA B 202 15.59 -17.60 -16.22
CA ALA B 202 14.73 -17.66 -17.42
C ALA B 202 14.47 -19.13 -17.79
N ALA B 203 13.23 -19.61 -17.62
CA ALA B 203 12.89 -21.04 -17.78
C ALA B 203 11.96 -21.14 -18.99
N GLY B 204 12.32 -22.05 -19.90
CA GLY B 204 11.48 -22.42 -21.04
C GLY B 204 11.32 -21.26 -21.99
N GLY B 205 10.17 -21.17 -22.64
CA GLY B 205 9.89 -20.19 -23.70
C GLY B 205 9.92 -20.84 -25.08
N TYR B 206 9.78 -19.99 -26.09
CA TYR B 206 9.78 -20.33 -27.53
C TYR B 206 10.88 -19.53 -28.22
N ASP B 207 11.67 -20.19 -29.09
CA ASP B 207 12.87 -19.58 -29.73
C ASP B 207 12.56 -19.22 -31.18
N GLY B 208 11.30 -19.31 -31.61
CA GLY B 208 10.89 -19.03 -33.02
C GLY B 208 10.61 -20.30 -33.79
N GLN B 209 11.06 -21.44 -33.25
CA GLN B 209 10.99 -22.77 -33.89
C GLN B 209 10.51 -23.85 -32.91
N ASP B 210 11.08 -23.92 -31.69
CA ASP B 210 10.79 -24.98 -30.68
C ASP B 210 10.43 -24.33 -29.33
N GLN B 211 9.58 -25.01 -28.54
CA GLN B 211 9.44 -24.80 -27.09
C GLN B 211 10.68 -25.41 -26.41
N LEU B 212 11.11 -24.86 -25.28
CA LEU B 212 12.41 -25.08 -24.61
C LEU B 212 12.19 -25.69 -23.22
N ASN B 213 13.00 -26.66 -22.84
CA ASN B 213 13.06 -27.13 -21.43
C ASN B 213 14.33 -26.57 -20.80
N SER B 214 15.17 -25.85 -21.57
CA SER B 214 16.42 -25.23 -21.08
C SER B 214 16.07 -24.12 -20.09
N VAL B 215 16.94 -23.95 -19.09
CA VAL B 215 16.83 -22.93 -18.02
C VAL B 215 18.18 -22.25 -17.85
N GLU B 216 18.26 -20.92 -17.94
CA GLU B 216 19.50 -20.17 -17.65
C GLU B 216 19.28 -19.14 -16.55
N ARG B 217 20.36 -18.75 -15.86
CA ARG B 217 20.29 -17.76 -14.76
C ARG B 217 21.36 -16.70 -14.95
N TYR B 218 20.99 -15.47 -14.61
CA TYR B 218 21.83 -14.27 -14.76
C TYR B 218 22.38 -13.90 -13.38
N ASP B 219 23.70 -13.89 -13.26
CA ASP B 219 24.40 -13.43 -12.05
C ASP B 219 24.76 -11.97 -12.31
N VAL B 220 24.18 -11.07 -11.51
CA VAL B 220 24.30 -9.60 -11.64
C VAL B 220 25.77 -9.21 -11.51
N ALA B 221 26.47 -9.87 -10.59
CA ALA B 221 27.88 -9.60 -10.20
C ALA B 221 28.79 -9.85 -11.40
N THR B 222 28.67 -11.01 -12.05
CA THR B 222 29.53 -11.47 -13.19
C THR B 222 28.91 -11.08 -14.53
N ALA B 223 27.69 -10.52 -14.53
CA ALA B 223 26.93 -10.10 -15.75
C ALA B 223 26.98 -11.20 -16.83
N THR B 224 26.88 -12.47 -16.42
CA THR B 224 26.92 -13.64 -17.32
C THR B 224 25.72 -14.57 -17.07
N TRP B 225 25.21 -15.15 -18.15
CA TRP B 225 24.06 -16.09 -18.13
C TRP B 225 24.61 -17.51 -18.14
N THR B 226 24.24 -18.37 -17.20
CA THR B 226 24.72 -19.77 -17.21
C THR B 226 23.52 -20.71 -17.19
N PHE B 227 23.56 -21.75 -18.02
CA PHE B 227 22.53 -22.80 -18.09
C PHE B 227 22.54 -23.60 -16.79
N VAL B 228 21.36 -23.89 -16.24
CA VAL B 228 21.27 -24.84 -15.11
C VAL B 228 20.52 -26.08 -15.59
N ALA B 229 20.11 -26.97 -14.69
CA ALA B 229 19.40 -28.19 -15.11
C ALA B 229 18.18 -27.78 -15.94
N PRO B 230 17.89 -28.48 -17.05
CA PRO B 230 16.71 -28.19 -17.87
C PRO B 230 15.45 -28.77 -17.20
N MET B 231 14.28 -28.24 -17.52
CA MET B 231 13.00 -28.76 -17.01
C MET B 231 12.73 -30.11 -17.67
N LYS B 232 11.95 -30.97 -17.02
CA LYS B 232 11.55 -32.25 -17.65
C LYS B 232 10.78 -31.93 -18.93
N HIS B 233 9.81 -31.03 -18.88
CA HIS B 233 8.94 -30.73 -20.05
C HIS B 233 9.30 -29.39 -20.66
N ARG B 234 9.41 -29.34 -21.99
CA ARG B 234 9.50 -28.07 -22.74
C ARG B 234 8.15 -27.33 -22.59
N ARG B 235 8.16 -26.01 -22.49
CA ARG B 235 6.93 -25.23 -22.22
C ARG B 235 7.22 -23.76 -22.48
N SER B 236 6.31 -23.12 -23.20
CA SER B 236 6.17 -21.66 -23.35
C SER B 236 4.83 -21.24 -22.74
N ALA B 237 4.65 -19.95 -22.53
CA ALA B 237 3.44 -19.38 -21.89
C ALA B 237 3.22 -20.11 -20.56
N LEU B 238 4.28 -20.39 -19.83
CA LEU B 238 4.27 -21.05 -18.49
C LEU B 238 4.08 -19.98 -17.40
N GLY B 239 3.35 -20.30 -16.35
CA GLY B 239 3.38 -19.52 -15.09
C GLY B 239 4.61 -19.89 -14.30
N ILE B 240 5.14 -18.95 -13.54
CA ILE B 240 6.36 -19.17 -12.71
C ILE B 240 6.19 -18.42 -11.41
N THR B 241 6.69 -19.01 -10.34
CA THR B 241 6.86 -18.25 -9.08
C THR B 241 7.94 -18.90 -8.22
N VAL B 242 8.35 -18.15 -7.21
CA VAL B 242 9.26 -18.65 -6.14
C VAL B 242 8.46 -18.80 -4.86
N HIS B 243 8.61 -19.95 -4.21
CA HIS B 243 8.00 -20.28 -2.91
C HIS B 243 9.04 -21.01 -2.05
N GLN B 244 9.35 -20.45 -0.87
CA GLN B 244 10.28 -21.02 0.13
C GLN B 244 11.57 -21.46 -0.56
N GLY B 245 12.17 -20.56 -1.34
CA GLY B 245 13.50 -20.83 -1.92
C GLY B 245 13.48 -21.79 -3.09
N ARG B 246 12.32 -22.10 -3.65
CA ARG B 246 12.21 -23.04 -4.80
C ARG B 246 11.41 -22.38 -5.93
N ILE B 247 11.78 -22.65 -7.18
CA ILE B 247 11.02 -22.20 -8.37
C ILE B 247 9.94 -23.22 -8.70
N TYR B 248 8.69 -22.76 -8.86
CA TYR B 248 7.55 -23.53 -9.41
C TYR B 248 7.18 -22.98 -10.78
N VAL B 249 7.04 -23.90 -11.75
CA VAL B 249 6.60 -23.58 -13.13
C VAL B 249 5.28 -24.33 -13.31
N LEU B 250 4.28 -23.67 -13.88
CA LEU B 250 2.90 -24.19 -13.92
C LEU B 250 2.45 -24.17 -15.38
N GLY B 251 2.11 -25.33 -15.89
CA GLY B 251 1.46 -25.47 -17.20
C GLY B 251 2.32 -24.92 -18.32
N GLY B 252 1.67 -24.28 -19.28
CA GLY B 252 2.29 -23.85 -20.55
C GLY B 252 1.90 -24.75 -21.73
N TYR B 253 2.49 -24.46 -22.88
CA TYR B 253 2.25 -25.18 -24.16
C TYR B 253 3.58 -25.84 -24.55
N ASP B 254 3.59 -27.14 -24.84
CA ASP B 254 4.86 -27.84 -25.16
C ASP B 254 5.05 -28.02 -26.67
N GLY B 255 4.24 -27.37 -27.51
CA GLY B 255 4.26 -27.54 -28.98
C GLY B 255 3.07 -28.35 -29.47
N HIS B 256 2.42 -29.12 -28.61
CA HIS B 256 1.18 -29.87 -28.91
C HIS B 256 0.17 -29.79 -27.76
N THR B 257 0.60 -30.09 -26.53
CA THR B 257 -0.25 -30.27 -25.32
C THR B 257 -0.30 -28.98 -24.50
N PHE B 258 -1.47 -28.62 -24.01
CA PHE B 258 -1.62 -27.65 -22.88
C PHE B 258 -1.35 -28.40 -21.58
N LEU B 259 -0.22 -28.05 -20.96
CA LEU B 259 0.34 -28.84 -19.84
C LEU B 259 -0.43 -28.57 -18.54
N ASP B 260 -0.63 -29.61 -17.74
CA ASP B 260 -1.10 -29.49 -16.35
C ASP B 260 0.08 -29.69 -15.36
N SER B 261 1.25 -30.05 -15.87
CA SER B 261 2.50 -30.32 -15.09
C SER B 261 2.90 -29.08 -14.28
N VAL B 262 3.18 -29.28 -13.00
CA VAL B 262 3.88 -28.27 -12.16
C VAL B 262 5.23 -28.89 -11.81
N GLU B 263 6.31 -28.20 -12.12
CA GLU B 263 7.68 -28.67 -11.80
C GLU B 263 8.24 -27.69 -10.79
N CYS B 264 9.09 -28.23 -9.92
CA CYS B 264 9.74 -27.52 -8.79
C CYS B 264 11.26 -27.63 -8.93
N TYR B 265 11.95 -26.50 -8.98
CA TYR B 265 13.43 -26.44 -9.07
C TYR B 265 14.01 -26.18 -7.68
N ASP B 266 14.88 -27.09 -7.23
CA ASP B 266 15.63 -26.96 -5.95
C ASP B 266 17.05 -26.51 -6.30
N PRO B 267 17.43 -25.24 -6.03
CA PRO B 267 18.71 -24.74 -6.51
C PRO B 267 19.92 -25.41 -5.83
N ASP B 268 19.78 -25.97 -4.62
CA ASP B 268 20.89 -26.64 -3.89
C ASP B 268 21.30 -27.91 -4.64
N THR B 269 20.31 -28.77 -4.92
CA THR B 269 20.45 -30.06 -5.64
C THR B 269 20.70 -29.82 -7.13
N ASP B 270 20.44 -28.62 -7.65
CA ASP B 270 20.26 -28.30 -9.10
C ASP B 270 19.42 -29.39 -9.78
N THR B 271 18.23 -29.68 -9.27
CA THR B 271 17.31 -30.70 -9.85
C THR B 271 15.89 -30.13 -9.96
N TRP B 272 15.17 -30.50 -11.02
CA TRP B 272 13.72 -30.28 -11.21
C TRP B 272 12.96 -31.55 -10.84
N SER B 273 11.77 -31.44 -10.23
CA SER B 273 10.87 -32.59 -9.99
C SER B 273 9.42 -32.18 -10.21
N GLU B 274 8.60 -33.15 -10.61
CA GLU B 274 7.15 -32.96 -10.85
C GLU B 274 6.48 -33.00 -9.46
N VAL B 275 5.88 -31.89 -9.03
CA VAL B 275 5.35 -31.74 -7.63
C VAL B 275 3.86 -31.96 -7.61
N THR B 276 3.14 -31.52 -8.62
CA THR B 276 1.68 -31.71 -8.64
C THR B 276 1.18 -31.50 -10.07
N ARG B 277 -0.12 -31.64 -10.28
CA ARG B 277 -0.78 -31.28 -11.56
C ARG B 277 -1.85 -30.23 -11.25
N MET B 278 -1.95 -29.19 -12.08
CA MET B 278 -3.14 -28.30 -12.07
C MET B 278 -4.34 -29.17 -12.36
N THR B 279 -5.54 -28.74 -11.95
CA THR B 279 -6.77 -29.55 -12.11
C THR B 279 -7.12 -29.74 -13.59
N SER B 280 -6.60 -28.90 -14.50
CA SER B 280 -6.77 -29.01 -15.98
C SER B 280 -5.57 -28.35 -16.65
N GLY B 281 -5.13 -28.87 -17.81
CA GLY B 281 -4.02 -28.31 -18.57
C GLY B 281 -4.38 -26.95 -19.12
N ARG B 282 -3.44 -26.03 -19.11
CA ARG B 282 -3.69 -24.65 -19.58
C ARG B 282 -2.36 -23.94 -19.78
N SER B 283 -2.40 -22.81 -20.49
CA SER B 283 -1.22 -21.97 -20.80
C SER B 283 -1.60 -20.53 -20.53
N GLY B 284 -0.64 -19.62 -20.48
CA GLY B 284 -0.95 -18.18 -20.43
C GLY B 284 -1.53 -17.77 -19.07
N VAL B 285 -1.19 -18.47 -17.99
CA VAL B 285 -1.70 -18.15 -16.62
C VAL B 285 -0.91 -16.98 -16.01
N GLY B 286 -1.57 -16.25 -15.08
CA GLY B 286 -0.94 -15.35 -14.10
C GLY B 286 -0.71 -16.09 -12.78
N VAL B 287 0.44 -15.91 -12.14
CA VAL B 287 0.81 -16.69 -10.92
C VAL B 287 1.44 -15.74 -9.90
N ALA B 288 1.02 -15.85 -8.65
CA ALA B 288 1.62 -15.06 -7.56
C ALA B 288 1.42 -15.84 -6.27
N VAL B 289 2.15 -15.42 -5.23
CA VAL B 289 2.30 -16.10 -3.91
C VAL B 289 1.90 -15.09 -2.85
N THR B 290 0.96 -15.47 -2.00
CA THR B 290 0.62 -14.73 -0.77
C THR B 290 -0.13 -15.69 0.16
#